data_6XVB
#
_entry.id   6XVB
#
_cell.length_a   87.710
_cell.length_b   90.272
_cell.length_c   91.178
_cell.angle_alpha   90.000
_cell.angle_beta   90.000
_cell.angle_gamma   90.000
#
_symmetry.space_group_name_H-M   'P 21 21 21'
#
loop_
_entity.id
_entity.type
_entity.pdbx_description
1 polymer 'Mast/stem cell growth factor receptor Kit,Mast/stem cell growth factor receptor Kit'
2 non-polymer ~{N}-(4,4-dimethyl-2-propyl-3,1-benzoxazin-6-yl)-2-[3-methoxy-5-(7-methoxyquinolin-4-yl)oxy-pyridin-2-yl]ethanamide
3 water water
#
_entity_poly.entity_id   1
_entity_poly.type   'polypeptide(L)'
_entity_poly.pdbx_seq_one_letter_code
;GSHMPMYEVQWKVVEESNGNNYSYIDPTQLPYDHKWEFPRNRLSFGKTLGAGAFGKVVEATAQGLIKSDAAMTVAVKMLK
PSAHSTEREALMSELKVLSYLGNHENIVNLLGACTHGGPTLVITEYCCYGDLLNFLRRKRDEFVPYKVAPEDLYKDFLTL
EHLLSFSYQVAKGMAFLASKNCIHRDLAARNILLTHGNITKICDFGLARDIKNDSNYVDKGNARLPVKWMAPESIFNSVY
TFESDVWSYGIFLWELFSLGSSPYPGMPVDSKFYKMIKEGFRMSSPEYAPAEMYDIMKTCWDADPDKRPTFKQIVQDIEK
QISESTNH
;
_entity_poly.pdbx_strand_id   A,B
#
loop_
_chem_comp.id
_chem_comp.type
_chem_comp.name
_chem_comp.formula
O2H non-polymer ~{N}-(4,4-dimethyl-2-propyl-3,1-benzoxazin-6-yl)-2-[3-methoxy-5-(7-methoxyquinolin-4-yl)oxy-pyridin-2-yl]ethanamide 'C31 H32 N4 O5'
#
# COMPACT_ATOMS: atom_id res chain seq x y z
N SER A 23 9.86 -32.13 7.68
CA SER A 23 9.08 -31.67 6.52
C SER A 23 8.09 -32.74 6.10
N TYR A 24 6.88 -32.33 5.70
CA TYR A 24 5.83 -33.27 5.29
C TYR A 24 5.84 -33.47 3.80
N ILE A 25 6.11 -32.39 3.06
CA ILE A 25 6.17 -32.36 1.60
C ILE A 25 7.63 -32.37 1.08
N ASP A 26 7.85 -32.89 -0.13
CA ASP A 26 9.16 -32.85 -0.79
C ASP A 26 9.06 -31.85 -1.92
N PRO A 27 9.65 -30.66 -1.75
CA PRO A 27 9.52 -29.60 -2.76
C PRO A 27 10.06 -29.92 -4.14
N THR A 28 11.03 -30.84 -4.20
CA THR A 28 11.70 -31.28 -5.41
C THR A 28 10.76 -32.13 -6.30
N GLN A 29 9.81 -32.88 -5.68
CA GLN A 29 8.82 -33.72 -6.41
C GLN A 29 7.62 -32.85 -6.83
N LEU A 30 7.60 -31.57 -6.42
CA LEU A 30 6.53 -30.65 -6.79
C LEU A 30 6.67 -30.17 -8.22
N PRO A 31 5.57 -30.03 -8.98
CA PRO A 31 5.73 -29.60 -10.38
C PRO A 31 5.87 -28.09 -10.52
N TYR A 32 6.42 -27.65 -11.65
CA TYR A 32 6.50 -26.23 -11.94
C TYR A 32 5.73 -25.92 -13.22
N ASP A 33 4.65 -25.15 -13.08
CA ASP A 33 3.80 -24.72 -14.18
C ASP A 33 4.50 -23.61 -14.97
N HIS A 34 4.67 -23.79 -16.27
CA HIS A 34 5.32 -22.80 -17.10
C HIS A 34 4.40 -21.59 -17.41
N LYS A 35 3.17 -21.59 -16.84
CA LYS A 35 2.19 -20.50 -16.91
C LYS A 35 2.73 -19.29 -16.14
N TRP A 36 3.62 -19.56 -15.15
CA TRP A 36 4.28 -18.58 -14.31
C TRP A 36 5.41 -17.84 -15.03
N GLU A 37 5.99 -18.42 -16.09
CA GLU A 37 7.10 -17.83 -16.84
C GLU A 37 6.84 -16.39 -17.31
N PHE A 38 7.73 -15.48 -16.90
CA PHE A 38 7.69 -14.07 -17.20
C PHE A 38 9.05 -13.61 -17.75
N PRO A 39 9.08 -12.86 -18.90
CA PRO A 39 10.35 -12.39 -19.48
C PRO A 39 11.04 -11.33 -18.62
N ARG A 40 12.28 -11.61 -18.19
CA ARG A 40 13.07 -10.70 -17.34
C ARG A 40 13.40 -9.35 -17.98
N ASN A 41 13.37 -9.26 -19.31
CA ASN A 41 13.63 -8.01 -20.04
C ASN A 41 12.47 -7.00 -19.82
N ARG A 42 11.33 -7.49 -19.30
CA ARG A 42 10.13 -6.71 -18.99
C ARG A 42 10.11 -6.24 -17.52
N LEU A 43 11.23 -6.45 -16.80
CA LEU A 43 11.44 -6.03 -15.41
C LEU A 43 12.48 -4.91 -15.35
N SER A 44 12.19 -3.85 -14.57
CA SER A 44 13.09 -2.71 -14.34
C SER A 44 13.36 -2.74 -12.83
N PHE A 45 14.56 -3.14 -12.43
CA PHE A 45 14.92 -3.25 -11.03
C PHE A 45 15.20 -1.90 -10.35
N GLY A 46 14.65 -1.76 -9.14
CA GLY A 46 14.81 -0.59 -8.30
C GLY A 46 15.65 -0.92 -7.09
N LYS A 47 15.27 -0.36 -5.93
CA LYS A 47 15.99 -0.54 -4.66
C LYS A 47 15.91 -1.96 -4.08
N THR A 48 16.91 -2.32 -3.26
CA THR A 48 16.98 -3.59 -2.54
C THR A 48 16.09 -3.48 -1.32
N LEU A 49 15.18 -4.41 -1.17
CA LEU A 49 14.22 -4.43 -0.07
C LEU A 49 14.76 -5.20 1.10
N GLY A 50 15.66 -6.13 0.82
CA GLY A 50 16.28 -7.01 1.82
C GLY A 50 17.39 -7.82 1.18
N ALA A 51 18.45 -8.12 1.94
CA ALA A 51 19.60 -8.86 1.43
C ALA A 51 20.29 -9.64 2.52
N GLY A 52 20.77 -10.81 2.13
CA GLY A 52 21.52 -11.72 2.98
C GLY A 52 22.83 -12.05 2.32
N ALA A 53 23.51 -13.07 2.82
CA ALA A 53 24.79 -13.45 2.24
C ALA A 53 24.67 -13.94 0.79
N PHE A 54 23.59 -14.64 0.45
CA PHE A 54 23.44 -15.34 -0.82
C PHE A 54 22.28 -14.92 -1.63
N GLY A 55 21.40 -14.13 -1.07
CA GLY A 55 20.21 -13.70 -1.78
C GLY A 55 19.73 -12.33 -1.42
N LYS A 56 18.81 -11.85 -2.23
CA LYS A 56 18.22 -10.53 -2.05
C LYS A 56 16.79 -10.46 -2.59
N VAL A 57 16.02 -9.48 -2.08
CA VAL A 57 14.69 -9.12 -2.55
C VAL A 57 14.85 -7.71 -3.09
N VAL A 58 14.41 -7.49 -4.31
CA VAL A 58 14.55 -6.20 -5.00
C VAL A 58 13.15 -5.76 -5.49
N GLU A 59 12.87 -4.46 -5.36
CA GLU A 59 11.65 -3.85 -5.85
C GLU A 59 11.82 -3.76 -7.38
N ALA A 60 10.77 -4.02 -8.16
CA ALA A 60 10.85 -3.89 -9.61
C ALA A 60 9.53 -3.46 -10.20
N THR A 61 9.62 -2.90 -11.40
CA THR A 61 8.48 -2.52 -12.22
C THR A 61 8.37 -3.58 -13.32
N ALA A 62 7.20 -4.24 -13.42
CA ALA A 62 6.89 -5.24 -14.42
C ALA A 62 5.91 -4.66 -15.47
N GLN A 63 6.44 -4.43 -16.67
CA GLN A 63 5.65 -3.98 -17.80
C GLN A 63 5.12 -5.22 -18.50
N GLY A 64 3.84 -5.18 -18.88
CA GLY A 64 3.19 -6.31 -19.54
C GLY A 64 2.89 -7.48 -18.62
N LEU A 65 2.78 -7.23 -17.30
CA LEU A 65 2.39 -8.28 -16.33
C LEU A 65 0.87 -8.23 -16.31
N ILE A 66 0.33 -6.99 -16.32
CA ILE A 66 -1.10 -6.70 -16.44
C ILE A 66 -1.31 -6.63 -17.97
N LYS A 67 -2.30 -7.39 -18.45
CA LYS A 67 -2.66 -7.54 -19.87
C LYS A 67 -3.02 -6.22 -20.58
N SER A 68 -3.46 -5.18 -19.82
CA SER A 68 -3.85 -3.86 -20.35
C SER A 68 -2.64 -2.93 -20.67
N ASP A 69 -1.39 -3.43 -20.43
CA ASP A 69 -0.09 -2.78 -20.65
C ASP A 69 0.26 -1.72 -19.58
N ALA A 70 -0.47 -1.72 -18.46
CA ALA A 70 -0.16 -0.83 -17.34
C ALA A 70 0.98 -1.49 -16.53
N ALA A 71 2.00 -0.71 -16.13
CA ALA A 71 3.14 -1.20 -15.36
C ALA A 71 2.70 -1.47 -13.91
N MET A 72 3.43 -2.34 -13.23
CA MET A 72 3.11 -2.60 -11.85
C MET A 72 4.35 -2.91 -11.05
N THR A 73 4.30 -2.57 -9.77
CA THR A 73 5.37 -2.79 -8.83
C THR A 73 5.25 -4.21 -8.32
N VAL A 74 6.39 -4.88 -8.27
CA VAL A 74 6.52 -6.27 -7.83
C VAL A 74 7.77 -6.37 -6.95
N ALA A 75 7.90 -7.48 -6.23
CA ALA A 75 9.08 -7.80 -5.42
C ALA A 75 9.70 -9.03 -6.05
N VAL A 76 11.02 -9.02 -6.24
CA VAL A 76 11.71 -10.10 -6.91
C VAL A 76 12.78 -10.66 -6.01
N LYS A 77 12.71 -11.96 -5.76
CA LYS A 77 13.69 -12.67 -4.98
C LYS A 77 14.62 -13.33 -5.96
N MET A 78 15.92 -13.23 -5.68
CA MET A 78 16.96 -13.76 -6.54
C MET A 78 18.20 -14.00 -5.72
N LEU A 79 19.12 -14.76 -6.27
CA LEU A 79 20.40 -15.04 -5.66
C LEU A 79 21.47 -14.06 -6.11
N LYS A 80 22.45 -13.87 -5.26
CA LYS A 80 23.64 -13.04 -5.51
C LYS A 80 24.75 -13.91 -6.18
N PRO A 81 25.76 -13.36 -6.88
CA PRO A 81 26.82 -14.24 -7.44
C PRO A 81 27.60 -15.03 -6.37
N SER A 82 27.44 -14.66 -5.09
CA SER A 82 28.06 -15.32 -3.93
C SER A 82 27.40 -16.71 -3.62
N ALA A 83 26.20 -16.98 -4.23
CA ALA A 83 25.41 -18.19 -4.02
C ALA A 83 26.06 -19.49 -4.54
N HIS A 84 25.77 -20.61 -3.88
CA HIS A 84 26.29 -21.91 -4.29
C HIS A 84 25.15 -22.79 -4.84
N SER A 85 25.48 -24.04 -5.24
CA SER A 85 24.54 -25.03 -5.77
C SER A 85 23.35 -25.29 -4.82
N THR A 86 23.61 -25.34 -3.50
CA THR A 86 22.66 -25.54 -2.41
C THR A 86 21.61 -24.44 -2.41
N GLU A 87 22.09 -23.19 -2.59
CA GLU A 87 21.20 -22.04 -2.60
C GLU A 87 20.41 -21.99 -3.89
N ARG A 88 20.97 -22.54 -4.97
CA ARG A 88 20.30 -22.55 -6.29
C ARG A 88 19.12 -23.52 -6.33
N GLU A 89 19.30 -24.68 -5.66
CA GLU A 89 18.31 -25.71 -5.49
C GLU A 89 17.26 -25.18 -4.56
N ALA A 90 17.69 -24.46 -3.50
CA ALA A 90 16.75 -23.90 -2.52
C ALA A 90 15.77 -22.89 -3.16
N LEU A 91 16.28 -21.98 -4.03
CA LEU A 91 15.43 -21.01 -4.71
C LEU A 91 14.41 -21.68 -5.66
N MET A 92 14.83 -22.77 -6.38
CA MET A 92 13.96 -23.54 -7.27
C MET A 92 12.87 -24.28 -6.47
N SER A 93 13.26 -24.93 -5.35
CA SER A 93 12.32 -25.58 -4.41
C SER A 93 11.30 -24.57 -3.84
N GLU A 94 11.75 -23.35 -3.51
CA GLU A 94 10.90 -22.27 -2.98
C GLU A 94 9.84 -21.89 -4.02
N LEU A 95 10.26 -21.78 -5.29
CA LEU A 95 9.39 -21.46 -6.42
C LEU A 95 8.33 -22.56 -6.64
N LYS A 96 8.73 -23.84 -6.55
CA LYS A 96 7.80 -24.97 -6.69
C LYS A 96 6.76 -24.94 -5.56
N VAL A 97 7.17 -24.71 -4.32
CA VAL A 97 6.31 -24.60 -3.14
C VAL A 97 5.29 -23.44 -3.29
N LEU A 98 5.74 -22.24 -3.67
CA LEU A 98 4.86 -21.09 -3.88
C LEU A 98 3.83 -21.32 -4.97
N SER A 99 4.24 -22.01 -6.04
CA SER A 99 3.43 -22.34 -7.20
C SER A 99 2.34 -23.35 -6.81
N TYR A 100 2.72 -24.33 -5.97
CA TYR A 100 1.87 -25.42 -5.46
C TYR A 100 0.79 -24.89 -4.54
N LEU A 101 1.11 -23.91 -3.70
CA LEU A 101 0.18 -23.33 -2.73
C LEU A 101 -1.05 -22.66 -3.33
N GLY A 102 -0.83 -21.82 -4.35
CA GLY A 102 -1.92 -21.07 -4.95
C GLY A 102 -2.22 -19.85 -4.13
N ASN A 103 -3.15 -19.05 -4.60
CA ASN A 103 -3.56 -17.82 -3.97
C ASN A 103 -4.25 -18.00 -2.63
N HIS A 104 -3.90 -17.12 -1.74
CA HIS A 104 -4.52 -16.95 -0.45
C HIS A 104 -4.29 -15.52 -0.07
N GLU A 105 -5.31 -14.88 0.48
CA GLU A 105 -5.26 -13.48 0.92
C GLU A 105 -4.18 -13.19 1.98
N ASN A 106 -3.83 -14.16 2.85
CA ASN A 106 -2.88 -13.93 3.95
C ASN A 106 -1.51 -14.49 3.72
N ILE A 107 -1.21 -14.80 2.48
CA ILE A 107 0.10 -15.31 2.05
C ILE A 107 0.59 -14.37 0.93
N VAL A 108 1.91 -14.12 0.85
CA VAL A 108 2.50 -13.32 -0.24
C VAL A 108 2.21 -14.10 -1.55
N ASN A 109 1.65 -13.44 -2.53
CA ASN A 109 1.24 -14.17 -3.71
C ASN A 109 2.23 -14.06 -4.84
N LEU A 110 2.56 -15.24 -5.39
CA LEU A 110 3.41 -15.44 -6.54
C LEU A 110 2.71 -14.83 -7.77
N LEU A 111 3.43 -14.06 -8.55
CA LEU A 111 2.90 -13.44 -9.77
C LEU A 111 3.54 -14.03 -11.01
N GLY A 112 4.80 -14.43 -10.91
CA GLY A 112 5.55 -14.98 -12.02
C GLY A 112 6.93 -15.44 -11.61
N ALA A 113 7.70 -15.92 -12.58
CA ALA A 113 9.06 -16.40 -12.34
C ALA A 113 9.81 -16.44 -13.64
N CYS A 114 11.14 -16.52 -13.56
CA CYS A 114 12.03 -16.69 -14.68
C CYS A 114 13.04 -17.76 -14.38
N THR A 115 12.91 -18.89 -15.08
CA THR A 115 13.77 -20.06 -14.90
C THR A 115 14.63 -20.32 -16.15
N HIS A 116 14.45 -19.53 -17.21
CA HIS A 116 15.21 -19.64 -18.46
C HIS A 116 15.95 -18.31 -18.71
N GLY A 117 17.05 -18.38 -19.46
CA GLY A 117 17.84 -17.20 -19.84
C GLY A 117 18.52 -16.43 -18.71
N GLY A 118 18.87 -17.13 -17.65
CA GLY A 118 19.57 -16.52 -16.52
C GLY A 118 19.23 -17.09 -15.16
N PRO A 119 19.77 -16.45 -14.10
CA PRO A 119 19.46 -16.91 -12.73
C PRO A 119 17.99 -16.79 -12.38
N THR A 120 17.51 -17.73 -11.53
CA THR A 120 16.12 -17.82 -11.11
C THR A 120 15.64 -16.53 -10.41
N LEU A 121 14.47 -16.06 -10.83
CA LEU A 121 13.78 -14.87 -10.32
C LEU A 121 12.41 -15.34 -9.86
N VAL A 122 12.04 -15.01 -8.62
CA VAL A 122 10.75 -15.31 -8.03
C VAL A 122 10.04 -13.97 -7.86
N ILE A 123 8.93 -13.76 -8.58
CA ILE A 123 8.19 -12.51 -8.59
C ILE A 123 6.89 -12.63 -7.79
N THR A 124 6.75 -11.77 -6.78
CA THR A 124 5.56 -11.75 -5.96
C THR A 124 4.99 -10.34 -6.02
N GLU A 125 3.81 -10.17 -5.42
CA GLU A 125 3.16 -8.86 -5.24
C GLU A 125 4.01 -8.04 -4.27
N TYR A 126 3.97 -6.73 -4.41
CA TYR A 126 4.70 -5.83 -3.55
C TYR A 126 3.78 -5.40 -2.40
N CYS A 127 4.27 -5.51 -1.14
CA CYS A 127 3.55 -5.14 0.07
C CYS A 127 4.12 -3.82 0.52
N CYS A 128 3.37 -2.74 0.31
CA CYS A 128 3.84 -1.37 0.51
C CYS A 128 4.31 -0.99 1.91
N TYR A 129 3.83 -1.65 2.99
CA TYR A 129 4.30 -1.23 4.32
C TYR A 129 5.49 -2.05 4.82
N GLY A 130 5.92 -3.03 4.04
CA GLY A 130 7.06 -3.87 4.38
C GLY A 130 6.84 -4.87 5.50
N ASP A 131 7.90 -5.32 6.15
CA ASP A 131 7.71 -6.32 7.22
C ASP A 131 7.01 -5.73 8.47
N LEU A 132 6.22 -6.58 9.15
CA LEU A 132 5.43 -6.19 10.31
C LEU A 132 6.27 -5.71 11.49
N LEU A 133 7.41 -6.35 11.76
CA LEU A 133 8.25 -5.96 12.89
C LEU A 133 8.65 -4.50 12.83
N ASN A 134 9.19 -4.07 11.68
CA ASN A 134 9.61 -2.68 11.44
C ASN A 134 8.47 -1.73 11.47
N PHE A 135 7.31 -2.17 10.97
CA PHE A 135 6.10 -1.36 10.99
C PHE A 135 5.71 -1.08 12.45
N LEU A 136 5.61 -2.16 13.30
CA LEU A 136 5.28 -2.06 14.72
C LEU A 136 6.22 -1.16 15.48
N ARG A 137 7.52 -1.29 15.24
CA ARG A 137 8.54 -0.44 15.89
C ARG A 137 8.38 1.04 15.53
N ARG A 138 8.03 1.32 14.26
CA ARG A 138 7.81 2.69 13.76
C ARG A 138 6.51 3.25 14.34
N LYS A 139 5.50 2.39 14.53
CA LYS A 139 4.19 2.78 15.05
C LYS A 139 4.06 2.75 16.57
N ARG A 140 5.07 2.22 17.27
CA ARG A 140 5.09 2.06 18.75
C ARG A 140 4.72 3.31 19.55
N ASP A 141 5.39 4.41 19.25
CA ASP A 141 5.24 5.67 19.96
C ASP A 141 3.89 6.35 19.77
N GLU A 142 3.20 6.09 18.65
CA GLU A 142 1.89 6.70 18.36
C GLU A 142 0.71 5.68 18.46
N PHE A 143 0.91 4.61 19.25
CA PHE A 143 -0.08 3.56 19.48
C PHE A 143 -1.14 4.02 20.47
N VAL A 144 -2.40 3.72 20.15
CA VAL A 144 -3.55 4.10 20.94
C VAL A 144 -4.32 2.80 21.23
N PRO A 145 -4.55 2.39 22.50
CA PRO A 145 -5.33 1.16 22.74
C PRO A 145 -6.77 1.25 22.18
N TYR A 146 -7.51 2.34 22.50
CA TYR A 146 -8.87 2.57 22.00
C TYR A 146 -9.08 4.02 21.65
N LEU A 153 -8.96 8.76 12.84
CA LEU A 153 -8.54 10.04 12.26
C LEU A 153 -7.52 9.85 11.13
N TYR A 154 -7.16 10.98 10.44
CA TYR A 154 -6.22 11.03 9.29
C TYR A 154 -4.81 10.51 9.61
N LYS A 155 -4.35 10.72 10.86
CA LYS A 155 -3.02 10.40 11.40
C LYS A 155 -2.64 8.91 11.33
N ASP A 156 -3.63 8.01 11.11
CA ASP A 156 -3.49 6.55 11.00
C ASP A 156 -2.75 5.95 12.20
N PHE A 157 -3.29 6.16 13.39
CA PHE A 157 -2.70 5.60 14.58
C PHE A 157 -2.94 4.09 14.64
N LEU A 158 -1.97 3.36 15.18
CA LEU A 158 -2.12 1.92 15.38
C LEU A 158 -2.98 1.73 16.63
N THR A 159 -3.96 0.82 16.58
CA THR A 159 -4.89 0.56 17.69
C THR A 159 -4.92 -0.92 18.06
N LEU A 160 -5.60 -1.27 19.17
CA LEU A 160 -5.77 -2.66 19.59
C LEU A 160 -6.58 -3.46 18.56
N GLU A 161 -7.54 -2.80 17.87
CA GLU A 161 -8.35 -3.39 16.82
C GLU A 161 -7.47 -3.91 15.66
N HIS A 162 -6.39 -3.16 15.30
CA HIS A 162 -5.41 -3.56 14.28
C HIS A 162 -4.62 -4.77 14.71
N LEU A 163 -4.08 -4.77 15.95
CA LEU A 163 -3.30 -5.88 16.47
C LEU A 163 -4.11 -7.16 16.51
N LEU A 164 -5.41 -7.04 16.87
CA LEU A 164 -6.30 -8.20 16.89
C LEU A 164 -6.54 -8.70 15.49
N SER A 165 -6.68 -7.77 14.52
CA SER A 165 -6.84 -8.12 13.11
C SER A 165 -5.61 -8.84 12.56
N PHE A 166 -4.39 -8.34 12.87
CA PHE A 166 -3.13 -8.97 12.47
C PHE A 166 -2.99 -10.38 13.06
N SER A 167 -3.37 -10.56 14.34
CA SER A 167 -3.37 -11.88 15.03
C SER A 167 -4.20 -12.88 14.21
N TYR A 168 -5.43 -12.48 13.90
CA TYR A 168 -6.42 -13.24 13.15
C TYR A 168 -5.94 -13.63 11.77
N GLN A 169 -5.42 -12.65 11.02
CA GLN A 169 -4.95 -12.85 9.66
C GLN A 169 -3.76 -13.78 9.58
N VAL A 170 -2.84 -13.67 10.55
CA VAL A 170 -1.68 -14.53 10.58
C VAL A 170 -2.13 -15.98 10.93
N ALA A 171 -3.07 -16.15 11.89
CA ALA A 171 -3.61 -17.49 12.25
C ALA A 171 -4.37 -18.10 11.06
N LYS A 172 -5.08 -17.27 10.27
CA LYS A 172 -5.79 -17.70 9.05
C LYS A 172 -4.81 -18.20 7.97
N GLY A 173 -3.78 -17.42 7.70
CA GLY A 173 -2.73 -17.77 6.75
C GLY A 173 -1.97 -19.02 7.17
N MET A 174 -1.67 -19.15 8.45
CA MET A 174 -1.00 -20.33 8.99
C MET A 174 -1.92 -21.56 8.97
N ALA A 175 -3.24 -21.37 9.19
CA ALA A 175 -4.24 -22.45 9.08
C ALA A 175 -4.28 -22.97 7.63
N PHE A 176 -4.17 -22.05 6.65
CA PHE A 176 -4.13 -22.39 5.23
C PHE A 176 -2.86 -23.17 4.94
N LEU A 177 -1.70 -22.67 5.35
CA LEU A 177 -0.42 -23.39 5.14
C LEU A 177 -0.43 -24.79 5.77
N ALA A 178 -0.94 -24.93 7.00
CA ALA A 178 -1.04 -26.25 7.64
C ALA A 178 -1.94 -27.18 6.84
N SER A 179 -3.06 -26.69 6.24
CA SER A 179 -3.98 -27.52 5.41
C SER A 179 -3.27 -28.02 4.12
N LYS A 180 -2.23 -27.30 3.69
CA LYS A 180 -1.41 -27.60 2.53
C LYS A 180 -0.15 -28.39 2.93
N ASN A 181 -0.07 -28.84 4.19
CA ASN A 181 1.03 -29.65 4.74
C ASN A 181 2.41 -28.95 4.74
N CYS A 182 2.36 -27.63 4.90
CA CYS A 182 3.46 -26.72 5.02
C CYS A 182 3.79 -26.51 6.47
N ILE A 183 5.10 -26.55 6.80
CA ILE A 183 5.70 -26.20 8.08
C ILE A 183 6.60 -25.02 7.69
N HIS A 184 6.35 -23.83 8.28
CA HIS A 184 7.05 -22.60 7.98
C HIS A 184 8.51 -22.67 8.50
N ARG A 185 8.68 -23.00 9.78
CA ARG A 185 9.96 -23.12 10.53
C ARG A 185 10.55 -21.77 10.93
N ASP A 186 10.00 -20.65 10.44
CA ASP A 186 10.53 -19.35 10.83
C ASP A 186 9.44 -18.26 10.93
N LEU A 187 8.33 -18.61 11.57
CA LEU A 187 7.21 -17.71 11.84
C LEU A 187 7.62 -16.70 12.94
N ALA A 188 7.57 -15.42 12.57
CA ALA A 188 8.01 -14.28 13.37
C ALA A 188 7.52 -13.05 12.63
N ALA A 189 7.39 -11.92 13.34
CA ALA A 189 6.93 -10.63 12.78
C ALA A 189 7.82 -10.14 11.62
N ARG A 190 9.13 -10.50 11.63
CA ARG A 190 10.10 -10.16 10.58
C ARG A 190 9.75 -10.88 9.26
N ASN A 191 8.95 -11.98 9.35
CA ASN A 191 8.48 -12.77 8.18
C ASN A 191 7.01 -12.59 7.87
N ILE A 192 6.43 -11.46 8.30
CA ILE A 192 5.06 -11.09 8.01
C ILE A 192 5.13 -9.76 7.30
N LEU A 193 4.41 -9.58 6.19
CA LEU A 193 4.40 -8.30 5.49
C LEU A 193 3.07 -7.64 5.65
N LEU A 194 3.05 -6.31 5.55
CA LEU A 194 1.83 -5.56 5.66
C LEU A 194 1.58 -4.81 4.35
N THR A 195 0.35 -4.93 3.84
CA THR A 195 0.00 -4.28 2.59
C THR A 195 -1.25 -3.42 2.82
N HIS A 196 -1.90 -2.98 1.74
CA HIS A 196 -3.12 -2.15 1.71
C HIS A 196 -4.28 -2.72 2.55
N GLY A 197 -5.01 -1.84 3.23
CA GLY A 197 -6.18 -2.19 4.03
C GLY A 197 -5.86 -3.01 5.25
N ASN A 198 -4.65 -2.82 5.78
CA ASN A 198 -4.15 -3.54 6.96
C ASN A 198 -4.21 -5.05 6.78
N ILE A 199 -3.81 -5.50 5.58
CA ILE A 199 -3.73 -6.91 5.22
C ILE A 199 -2.31 -7.41 5.46
N THR A 200 -2.19 -8.46 6.24
CA THR A 200 -0.89 -9.06 6.56
C THR A 200 -0.76 -10.28 5.66
N LYS A 201 0.49 -10.55 5.23
CA LYS A 201 0.84 -11.64 4.35
C LYS A 201 2.07 -12.34 4.86
N ILE A 202 1.94 -13.61 5.12
CA ILE A 202 3.05 -14.45 5.56
C ILE A 202 4.02 -14.63 4.40
N CYS A 203 5.30 -14.50 4.68
CA CYS A 203 6.32 -14.71 3.67
C CYS A 203 7.47 -15.45 4.32
N ASP A 204 8.57 -15.59 3.60
CA ASP A 204 9.79 -16.20 4.13
C ASP A 204 10.97 -15.55 3.42
N PHE A 205 11.62 -14.56 4.04
CA PHE A 205 12.78 -13.89 3.42
C PHE A 205 13.92 -14.88 3.17
N GLY A 206 14.09 -15.83 4.09
CA GLY A 206 15.10 -16.88 3.98
C GLY A 206 16.48 -16.31 3.73
N LEU A 207 17.04 -16.64 2.56
CA LEU A 207 18.35 -16.22 2.06
C LEU A 207 18.49 -14.71 1.85
N ALA A 208 17.35 -14.00 1.73
CA ALA A 208 17.34 -12.55 1.55
C ALA A 208 17.32 -11.80 2.89
N ARG A 209 17.69 -12.51 3.99
CA ARG A 209 17.91 -11.99 5.34
C ARG A 209 19.38 -12.23 5.76
N ASP A 210 20.03 -11.20 6.32
CA ASP A 210 21.38 -11.30 6.83
C ASP A 210 21.34 -11.91 8.24
N ILE A 211 21.18 -13.24 8.31
CA ILE A 211 21.05 -13.97 9.57
C ILE A 211 22.36 -13.93 10.37
N LYS A 212 23.53 -13.81 9.70
CA LYS A 212 24.84 -13.74 10.38
C LYS A 212 24.96 -12.50 11.26
N ASN A 213 24.31 -11.39 10.90
CA ASN A 213 24.37 -10.14 11.65
C ASN A 213 23.09 -9.78 12.37
N ASP A 214 22.04 -10.62 12.25
CA ASP A 214 20.78 -10.44 12.95
C ASP A 214 20.90 -11.09 14.36
N SER A 215 20.74 -10.30 15.44
CA SER A 215 20.84 -10.82 16.82
C SER A 215 19.68 -11.79 17.23
N ASN A 216 18.62 -11.86 16.40
CA ASN A 216 17.46 -12.76 16.59
C ASN A 216 17.78 -14.22 16.18
N TYR A 217 18.97 -14.45 15.59
CA TYR A 217 19.46 -15.76 15.17
C TYR A 217 20.69 -16.02 15.98
N VAL A 218 20.82 -17.24 16.49
CA VAL A 218 21.89 -17.65 17.40
C VAL A 218 22.62 -18.86 16.80
N ASP A 219 23.93 -18.95 17.05
CA ASP A 219 24.74 -20.09 16.63
C ASP A 219 24.32 -21.31 17.47
N LYS A 220 23.87 -22.38 16.81
CA LYS A 220 23.43 -23.62 17.46
C LYS A 220 23.94 -24.71 16.55
N GLY A 221 25.02 -25.37 16.99
CA GLY A 221 25.70 -26.36 16.17
C GLY A 221 26.37 -25.63 15.03
N ASN A 222 26.16 -26.13 13.80
CA ASN A 222 26.72 -25.44 12.63
C ASN A 222 25.58 -24.82 11.84
N ALA A 223 24.67 -24.21 12.59
CA ALA A 223 23.48 -23.52 12.09
C ALA A 223 23.26 -22.23 12.87
N ARG A 224 22.67 -21.25 12.23
CA ARG A 224 22.39 -19.94 12.80
C ARG A 224 20.84 -19.89 12.81
N LEU A 225 20.22 -20.21 14.00
CA LEU A 225 18.77 -20.43 14.18
C LEU A 225 18.00 -19.40 15.04
N PRO A 226 16.71 -19.15 14.76
CA PRO A 226 15.94 -18.18 15.60
C PRO A 226 15.39 -18.83 16.88
N VAL A 227 16.29 -19.16 17.80
CA VAL A 227 16.05 -19.94 19.01
C VAL A 227 14.90 -19.42 19.90
N LYS A 228 14.77 -18.08 20.09
CA LYS A 228 13.68 -17.48 20.90
C LYS A 228 12.28 -17.73 20.35
N TRP A 229 12.15 -18.08 19.04
CA TRP A 229 10.88 -18.42 18.40
C TRP A 229 10.64 -19.94 18.29
N MET A 230 11.63 -20.78 18.65
CA MET A 230 11.54 -22.22 18.48
C MET A 230 11.03 -23.00 19.68
N ALA A 231 10.17 -23.99 19.41
CA ALA A 231 9.60 -24.91 20.37
C ALA A 231 10.73 -25.74 20.95
N PRO A 232 10.62 -26.21 22.21
CA PRO A 232 11.68 -27.05 22.79
C PRO A 232 12.02 -28.28 21.95
N GLU A 233 11.02 -28.98 21.35
CA GLU A 233 11.27 -30.17 20.51
C GLU A 233 12.10 -29.83 19.26
N SER A 234 11.99 -28.59 18.76
CA SER A 234 12.78 -28.12 17.62
C SER A 234 14.20 -27.82 18.05
N ILE A 235 14.36 -27.21 19.23
CA ILE A 235 15.69 -26.88 19.78
C ILE A 235 16.49 -28.15 20.10
N PHE A 236 15.92 -29.03 20.91
CA PHE A 236 16.62 -30.21 21.40
C PHE A 236 16.56 -31.42 20.47
N ASN A 237 15.52 -31.54 19.62
CA ASN A 237 15.41 -32.72 18.75
C ASN A 237 15.42 -32.43 17.24
N SER A 238 15.51 -31.15 16.82
CA SER A 238 15.53 -30.73 15.41
C SER A 238 14.23 -31.15 14.62
N VAL A 239 13.15 -31.38 15.39
CA VAL A 239 11.80 -31.76 14.97
C VAL A 239 10.95 -30.50 14.69
N TYR A 240 10.41 -30.41 13.49
CA TYR A 240 9.55 -29.33 13.07
C TYR A 240 8.23 -29.92 12.66
N THR A 241 7.12 -29.46 13.25
CA THR A 241 5.77 -29.97 12.98
C THR A 241 4.78 -28.81 12.89
N PHE A 242 3.49 -29.12 12.76
CA PHE A 242 2.40 -28.13 12.77
C PHE A 242 2.38 -27.43 14.15
N GLU A 243 2.62 -28.20 15.20
CA GLU A 243 2.65 -27.83 16.61
C GLU A 243 3.82 -26.93 16.97
N SER A 244 4.99 -27.10 16.31
CA SER A 244 6.16 -26.23 16.56
C SER A 244 5.95 -24.84 15.93
N ASP A 245 5.16 -24.78 14.84
CA ASP A 245 4.81 -23.50 14.21
C ASP A 245 3.83 -22.72 15.09
N VAL A 246 2.99 -23.43 15.86
CA VAL A 246 2.02 -22.88 16.82
C VAL A 246 2.79 -22.22 17.97
N TRP A 247 3.86 -22.86 18.45
CA TRP A 247 4.73 -22.30 19.47
C TRP A 247 5.27 -20.91 18.96
N SER A 248 5.85 -20.87 17.75
CA SER A 248 6.40 -19.65 17.11
C SER A 248 5.32 -18.60 16.98
N TYR A 249 4.06 -19.01 16.69
CA TYR A 249 2.92 -18.10 16.58
C TYR A 249 2.68 -17.44 17.95
N GLY A 250 2.81 -18.22 19.04
CA GLY A 250 2.70 -17.70 20.40
C GLY A 250 3.73 -16.62 20.64
N ILE A 251 4.98 -16.86 20.21
CA ILE A 251 6.09 -15.88 20.29
C ILE A 251 5.76 -14.64 19.43
N PHE A 252 5.29 -14.84 18.17
CA PHE A 252 4.83 -13.76 17.28
C PHE A 252 3.80 -12.84 18.02
N LEU A 253 2.79 -13.43 18.68
CA LEU A 253 1.74 -12.75 19.45
C LEU A 253 2.35 -11.86 20.53
N TRP A 254 3.37 -12.39 21.22
CA TRP A 254 4.10 -11.64 22.21
C TRP A 254 4.78 -10.41 21.56
N GLU A 255 5.45 -10.58 20.41
CA GLU A 255 6.10 -9.45 19.68
C GLU A 255 5.06 -8.44 19.25
N LEU A 256 3.91 -8.90 18.76
CA LEU A 256 2.80 -8.08 18.27
C LEU A 256 2.25 -7.20 19.38
N PHE A 257 1.87 -7.83 20.55
CA PHE A 257 1.27 -7.09 21.65
C PHE A 257 2.29 -6.36 22.56
N SER A 258 3.62 -6.49 22.29
CA SER A 258 4.70 -5.71 22.91
C SER A 258 5.14 -4.58 21.92
N LEU A 259 4.46 -4.50 20.77
CA LEU A 259 4.69 -3.53 19.69
C LEU A 259 6.09 -3.61 19.09
N GLY A 260 6.55 -4.83 18.85
CA GLY A 260 7.82 -5.08 18.20
C GLY A 260 9.01 -5.30 19.09
N SER A 261 8.80 -5.56 20.40
CA SER A 261 9.94 -5.83 21.27
C SER A 261 10.48 -7.23 21.00
N SER A 262 11.78 -7.44 21.24
CA SER A 262 12.42 -8.73 21.11
C SER A 262 11.95 -9.66 22.26
N PRO A 263 11.68 -10.95 22.00
CA PRO A 263 11.21 -11.84 23.09
C PRO A 263 12.28 -12.15 24.13
N TYR A 264 11.84 -12.59 25.34
CA TYR A 264 12.68 -12.88 26.52
C TYR A 264 13.64 -11.72 26.75
N PRO A 265 13.13 -10.46 26.87
CA PRO A 265 14.05 -9.31 26.99
C PRO A 265 15.01 -9.43 28.16
N GLY A 266 16.26 -9.05 27.89
CA GLY A 266 17.36 -9.10 28.85
C GLY A 266 17.89 -10.49 29.15
N MET A 267 17.40 -11.52 28.42
CA MET A 267 17.83 -12.91 28.60
C MET A 267 18.63 -13.33 27.39
N PRO A 268 19.96 -13.55 27.53
CA PRO A 268 20.74 -14.00 26.37
C PRO A 268 20.53 -15.49 26.09
N VAL A 269 20.73 -15.93 24.83
CA VAL A 269 20.57 -17.34 24.50
C VAL A 269 21.85 -18.08 24.90
N ASP A 270 21.79 -18.74 26.04
CA ASP A 270 22.88 -19.52 26.62
C ASP A 270 22.33 -20.79 27.26
N SER A 271 23.16 -21.54 28.00
CA SER A 271 22.75 -22.80 28.65
C SER A 271 21.60 -22.61 29.65
N LYS A 272 21.58 -21.44 30.36
CA LYS A 272 20.54 -21.08 31.33
C LYS A 272 19.20 -20.89 30.61
N PHE A 273 19.23 -20.25 29.43
CA PHE A 273 18.01 -20.06 28.62
C PHE A 273 17.39 -21.42 28.28
N TYR A 274 18.20 -22.36 27.72
CA TYR A 274 17.76 -23.71 27.34
C TYR A 274 17.20 -24.46 28.54
N LYS A 275 17.90 -24.39 29.67
CA LYS A 275 17.49 -25.02 30.95
C LYS A 275 16.12 -24.48 31.39
N MET A 276 15.95 -23.14 31.43
CA MET A 276 14.71 -22.46 31.85
C MET A 276 13.50 -22.84 30.99
N ILE A 277 13.62 -22.83 29.66
CA ILE A 277 12.52 -23.20 28.74
C ILE A 277 12.11 -24.68 28.94
N LYS A 278 13.10 -25.58 29.03
CA LYS A 278 12.92 -27.02 29.28
C LYS A 278 12.19 -27.24 30.63
N GLU A 279 12.45 -26.36 31.62
CA GLU A 279 11.87 -26.39 32.95
C GLU A 279 10.50 -25.72 33.07
N GLY A 280 10.03 -25.07 32.02
CA GLY A 280 8.72 -24.44 32.02
C GLY A 280 8.65 -22.94 32.18
N PHE A 281 9.81 -22.23 32.17
CA PHE A 281 9.77 -20.77 32.24
C PHE A 281 9.08 -20.25 30.97
N ARG A 282 8.18 -19.28 31.12
CA ARG A 282 7.44 -18.65 30.03
C ARG A 282 7.36 -17.18 30.27
N MET A 283 7.37 -16.42 29.22
CA MET A 283 7.22 -14.98 29.30
C MET A 283 5.89 -14.60 29.91
N SER A 284 5.89 -13.48 30.66
CA SER A 284 4.68 -12.90 31.24
C SER A 284 4.00 -12.16 30.09
N SER A 285 2.77 -11.68 30.27
CA SER A 285 2.06 -11.03 29.17
C SER A 285 2.72 -9.75 28.64
N PRO A 286 2.75 -9.48 27.31
CA PRO A 286 3.24 -8.15 26.85
C PRO A 286 2.27 -7.09 27.35
N GLU A 287 2.73 -5.85 27.47
CA GLU A 287 1.97 -4.71 28.03
C GLU A 287 0.59 -4.46 27.40
N TYR A 288 0.40 -4.79 26.11
CA TYR A 288 -0.88 -4.47 25.47
C TYR A 288 -1.71 -5.67 25.12
N ALA A 289 -1.32 -6.87 25.55
CA ALA A 289 -2.12 -8.03 25.18
C ALA A 289 -3.36 -8.16 26.02
N PRO A 290 -4.55 -8.31 25.39
CA PRO A 290 -5.76 -8.64 26.19
C PRO A 290 -5.55 -10.01 26.87
N ALA A 291 -6.14 -10.23 28.05
CA ALA A 291 -6.03 -11.49 28.79
C ALA A 291 -6.37 -12.73 27.94
N GLU A 292 -7.33 -12.61 27.02
CA GLU A 292 -7.75 -13.70 26.13
C GLU A 292 -6.70 -14.05 25.06
N MET A 293 -5.87 -13.07 24.65
CA MET A 293 -4.74 -13.27 23.75
C MET A 293 -3.59 -13.90 24.50
N TYR A 294 -3.34 -13.48 25.74
CA TYR A 294 -2.30 -14.11 26.58
C TYR A 294 -2.65 -15.57 26.84
N ASP A 295 -3.97 -15.89 26.98
CA ASP A 295 -4.44 -17.26 27.17
C ASP A 295 -4.09 -18.12 25.96
N ILE A 296 -4.14 -17.53 24.72
CA ILE A 296 -3.74 -18.25 23.50
C ILE A 296 -2.22 -18.50 23.57
N MET A 297 -1.41 -17.47 23.86
CA MET A 297 0.05 -17.61 23.99
C MET A 297 0.45 -18.73 24.95
N LYS A 298 -0.16 -18.79 26.15
CA LYS A 298 0.17 -19.83 27.14
C LYS A 298 -0.10 -21.22 26.59
N THR A 299 -1.22 -21.43 25.86
CA THR A 299 -1.54 -22.74 25.27
C THR A 299 -0.58 -23.06 24.11
N CYS A 300 -0.15 -22.05 23.31
CA CYS A 300 0.85 -22.21 22.23
C CYS A 300 2.20 -22.66 22.81
N TRP A 301 2.50 -22.26 24.06
CA TRP A 301 3.75 -22.62 24.72
C TRP A 301 3.66 -23.81 25.62
N ASP A 302 2.66 -24.64 25.43
CA ASP A 302 2.58 -25.85 26.25
C ASP A 302 3.77 -26.77 25.90
N ALA A 303 4.40 -27.35 26.91
CA ALA A 303 5.55 -28.23 26.74
C ALA A 303 5.16 -29.44 25.90
N ASP A 304 3.92 -29.94 26.08
CA ASP A 304 3.35 -31.06 25.33
C ASP A 304 2.76 -30.50 24.02
N PRO A 305 3.36 -30.86 22.84
CA PRO A 305 2.84 -30.35 21.55
C PRO A 305 1.36 -30.68 21.29
N ASP A 306 0.89 -31.84 21.80
CA ASP A 306 -0.49 -32.33 21.65
C ASP A 306 -1.52 -31.49 22.40
N LYS A 307 -1.07 -30.69 23.38
CA LYS A 307 -1.89 -29.79 24.18
C LYS A 307 -2.00 -28.37 23.58
N ARG A 308 -1.20 -28.07 22.56
CA ARG A 308 -1.23 -26.78 21.89
C ARG A 308 -2.50 -26.67 21.01
N PRO A 309 -3.08 -25.47 20.85
CA PRO A 309 -4.24 -25.36 19.95
C PRO A 309 -3.76 -25.53 18.50
N THR A 310 -4.66 -25.80 17.56
CA THR A 310 -4.28 -25.86 16.15
C THR A 310 -4.49 -24.40 15.64
N PHE A 311 -3.96 -24.04 14.45
CA PHE A 311 -4.19 -22.70 13.93
C PHE A 311 -5.68 -22.47 13.65
N LYS A 312 -6.38 -23.53 13.28
CA LYS A 312 -7.83 -23.47 13.07
C LYS A 312 -8.57 -23.08 14.36
N GLN A 313 -8.21 -23.73 15.50
CA GLN A 313 -8.78 -23.42 16.80
C GLN A 313 -8.49 -21.97 17.20
N ILE A 314 -7.23 -21.49 16.99
CA ILE A 314 -6.79 -20.13 17.26
C ILE A 314 -7.67 -19.15 16.45
N VAL A 315 -7.84 -19.39 15.12
CA VAL A 315 -8.69 -18.57 14.26
C VAL A 315 -10.10 -18.39 14.86
N GLN A 316 -10.74 -19.50 15.26
CA GLN A 316 -12.08 -19.50 15.85
C GLN A 316 -12.14 -18.73 17.14
N ASP A 317 -11.10 -18.89 17.99
CA ASP A 317 -10.94 -18.20 19.27
C ASP A 317 -10.79 -16.66 19.07
N ILE A 318 -9.98 -16.22 18.10
CA ILE A 318 -9.79 -14.78 17.83
C ILE A 318 -11.06 -14.17 17.19
N GLU A 319 -11.67 -14.86 16.22
CA GLU A 319 -12.90 -14.43 15.54
C GLU A 319 -13.93 -14.07 16.60
N LYS A 320 -14.11 -14.96 17.62
CA LYS A 320 -14.99 -14.80 18.76
C LYS A 320 -14.65 -13.51 19.55
N GLN A 321 -13.35 -13.30 19.87
CA GLN A 321 -12.86 -12.11 20.59
C GLN A 321 -13.10 -10.81 19.81
N ILE A 322 -12.93 -10.83 18.48
CA ILE A 322 -13.16 -9.69 17.60
C ILE A 322 -14.64 -9.26 17.63
N SER A 323 -15.56 -10.25 17.54
CA SER A 323 -17.02 -10.00 17.56
C SER A 323 -17.45 -9.38 18.88
N GLU A 324 -17.05 -10.00 20.02
CA GLU A 324 -17.34 -9.56 21.40
C GLU A 324 -16.79 -8.15 21.73
N SER A 325 -15.76 -7.69 20.98
CA SER A 325 -15.10 -6.39 21.15
C SER A 325 -16.00 -5.20 20.76
N PRO B 31 -18.41 6.42 -27.58
CA PRO B 31 -17.67 5.20 -27.94
C PRO B 31 -17.01 4.54 -26.73
N TYR B 32 -17.21 3.21 -26.57
CA TYR B 32 -16.65 2.41 -25.47
C TYR B 32 -16.18 1.07 -26.01
N ASP B 33 -14.88 0.81 -25.83
CA ASP B 33 -14.23 -0.42 -26.28
C ASP B 33 -14.62 -1.58 -25.36
N HIS B 34 -15.20 -2.65 -25.92
CA HIS B 34 -15.59 -3.81 -25.11
C HIS B 34 -14.39 -4.66 -24.68
N LYS B 35 -13.15 -4.22 -25.03
CA LYS B 35 -11.88 -4.84 -24.64
C LYS B 35 -11.68 -4.67 -23.14
N TRP B 36 -12.33 -3.63 -22.58
CA TRP B 36 -12.31 -3.27 -21.16
C TRP B 36 -13.20 -4.16 -20.30
N GLU B 37 -14.21 -4.81 -20.90
CA GLU B 37 -15.15 -5.69 -20.21
C GLU B 37 -14.47 -6.75 -19.32
N PHE B 38 -14.78 -6.70 -18.02
CA PHE B 38 -14.25 -7.58 -16.99
C PHE B 38 -15.39 -8.24 -16.21
N PRO B 39 -15.37 -9.59 -16.03
CA PRO B 39 -16.45 -10.26 -15.29
C PRO B 39 -16.47 -9.88 -13.81
N ARG B 40 -17.59 -9.30 -13.34
CA ARG B 40 -17.73 -8.85 -11.96
C ARG B 40 -17.68 -9.97 -10.90
N ASN B 41 -17.91 -11.23 -11.31
CA ASN B 41 -17.85 -12.41 -10.44
C ASN B 41 -16.38 -12.72 -10.04
N ARG B 42 -15.42 -12.13 -10.78
CA ARG B 42 -13.97 -12.26 -10.56
C ARG B 42 -13.42 -11.14 -9.67
N LEU B 43 -14.33 -10.33 -9.07
CA LEU B 43 -14.01 -9.27 -8.13
C LEU B 43 -14.48 -9.65 -6.72
N SER B 44 -13.61 -9.45 -5.71
CA SER B 44 -13.90 -9.69 -4.31
C SER B 44 -13.77 -8.33 -3.64
N PHE B 45 -14.90 -7.72 -3.26
CA PHE B 45 -14.90 -6.40 -2.67
C PHE B 45 -14.43 -6.39 -1.21
N GLY B 46 -13.62 -5.38 -0.91
CA GLY B 46 -13.10 -5.13 0.43
C GLY B 46 -13.70 -3.86 1.00
N LYS B 47 -12.87 -3.09 1.71
CA LYS B 47 -13.27 -1.84 2.36
C LYS B 47 -13.61 -0.69 1.38
N THR B 48 -14.45 0.26 1.86
CA THR B 48 -14.83 1.46 1.12
C THR B 48 -13.69 2.46 1.28
N LEU B 49 -13.18 2.93 0.15
CA LEU B 49 -12.07 3.87 0.12
C LEU B 49 -12.55 5.29 0.18
N GLY B 50 -13.78 5.52 -0.27
CA GLY B 50 -14.43 6.83 -0.32
C GLY B 50 -15.88 6.69 -0.72
N ALA B 51 -16.75 7.56 -0.20
CA ALA B 51 -18.18 7.52 -0.48
C ALA B 51 -18.82 8.89 -0.39
N GLY B 52 -19.74 9.15 -1.32
CA GLY B 52 -20.53 10.36 -1.40
C GLY B 52 -22.00 10.02 -1.28
N ALA B 53 -22.88 10.94 -1.69
CA ALA B 53 -24.32 10.71 -1.63
C ALA B 53 -24.80 9.62 -2.61
N PHE B 54 -24.26 9.59 -3.86
CA PHE B 54 -24.68 8.69 -4.93
C PHE B 54 -23.64 7.67 -5.41
N GLY B 55 -22.41 7.79 -4.91
CA GLY B 55 -21.36 6.88 -5.34
C GLY B 55 -20.33 6.56 -4.30
N LYS B 56 -19.53 5.55 -4.62
CA LYS B 56 -18.46 5.07 -3.76
C LYS B 56 -17.30 4.48 -4.56
N VAL B 57 -16.13 4.45 -3.91
CA VAL B 57 -14.92 3.79 -4.40
C VAL B 57 -14.66 2.68 -3.39
N VAL B 58 -14.47 1.46 -3.86
CA VAL B 58 -14.26 0.29 -3.03
C VAL B 58 -12.96 -0.41 -3.47
N GLU B 59 -12.19 -0.90 -2.50
CA GLU B 59 -10.99 -1.69 -2.74
C GLU B 59 -11.47 -3.08 -3.15
N ALA B 60 -10.81 -3.71 -4.13
CA ALA B 60 -11.20 -5.06 -4.52
C ALA B 60 -10.01 -5.88 -4.98
N THR B 61 -10.16 -7.19 -4.95
CA THR B 61 -9.20 -8.15 -5.46
C THR B 61 -9.80 -8.66 -6.79
N ALA B 62 -9.05 -8.53 -7.89
CA ALA B 62 -9.41 -8.98 -9.21
C ALA B 62 -8.58 -10.21 -9.63
N GLN B 63 -9.26 -11.33 -9.86
CA GLN B 63 -8.62 -12.57 -10.34
C GLN B 63 -8.72 -12.59 -11.88
N GLY B 64 -7.58 -12.66 -12.58
CA GLY B 64 -7.55 -12.74 -14.05
C GLY B 64 -7.14 -11.52 -14.85
N LEU B 65 -6.51 -10.52 -14.20
CA LEU B 65 -6.04 -9.30 -14.86
C LEU B 65 -4.57 -9.49 -15.28
N ILE B 66 -3.94 -10.57 -14.78
CA ILE B 66 -2.56 -10.98 -15.03
C ILE B 66 -2.59 -12.31 -15.78
N LYS B 67 -1.65 -12.48 -16.75
CA LYS B 67 -1.56 -13.67 -17.60
C LYS B 67 -1.37 -14.99 -16.83
N SER B 68 -0.78 -14.96 -15.61
CA SER B 68 -0.53 -16.14 -14.77
C SER B 68 -1.75 -16.58 -13.93
N ASP B 69 -2.82 -15.74 -13.95
CA ASP B 69 -4.09 -15.90 -13.23
C ASP B 69 -3.92 -15.63 -11.72
N ALA B 70 -2.95 -14.77 -11.38
CA ALA B 70 -2.71 -14.35 -10.01
C ALA B 70 -3.59 -13.14 -9.74
N ALA B 71 -4.00 -12.99 -8.49
CA ALA B 71 -4.89 -11.92 -8.04
C ALA B 71 -4.17 -10.59 -7.95
N MET B 72 -4.93 -9.50 -7.99
CA MET B 72 -4.38 -8.17 -7.84
C MET B 72 -5.38 -7.23 -7.24
N THR B 73 -4.88 -6.23 -6.53
CA THR B 73 -5.70 -5.22 -5.88
C THR B 73 -6.01 -4.10 -6.86
N VAL B 74 -7.30 -3.72 -6.90
CA VAL B 74 -7.87 -2.70 -7.78
C VAL B 74 -8.81 -1.78 -6.97
N ALA B 75 -9.16 -0.63 -7.54
CA ALA B 75 -10.13 0.31 -6.96
C ALA B 75 -11.32 0.31 -7.92
N VAL B 76 -12.54 0.21 -7.36
CA VAL B 76 -13.75 0.12 -8.16
C VAL B 76 -14.68 1.24 -7.79
N LYS B 77 -15.04 2.06 -8.79
CA LYS B 77 -15.99 3.13 -8.63
C LYS B 77 -17.33 2.58 -9.11
N MET B 78 -18.36 2.88 -8.34
CA MET B 78 -19.71 2.42 -8.60
C MET B 78 -20.69 3.34 -7.93
N LEU B 79 -21.94 3.23 -8.33
CA LEU B 79 -23.02 4.00 -7.76
C LEU B 79 -23.72 3.25 -6.63
N LYS B 80 -24.33 4.03 -5.72
CA LYS B 80 -25.12 3.61 -4.57
C LYS B 80 -26.59 3.39 -5.05
N PRO B 81 -27.44 2.56 -4.36
CA PRO B 81 -28.84 2.38 -4.84
C PRO B 81 -29.68 3.66 -4.87
N SER B 82 -29.20 4.71 -4.19
CA SER B 82 -29.77 6.05 -4.09
C SER B 82 -29.52 6.90 -5.36
N ALA B 83 -28.60 6.45 -6.25
CA ALA B 83 -28.27 7.14 -7.49
C ALA B 83 -29.41 7.05 -8.51
N HIS B 84 -29.67 8.15 -9.24
CA HIS B 84 -30.73 8.25 -10.25
C HIS B 84 -30.17 8.11 -11.69
N SER B 85 -30.96 8.53 -12.69
CA SER B 85 -30.61 8.47 -14.12
C SER B 85 -29.39 9.32 -14.52
N THR B 86 -29.30 10.56 -14.01
CA THR B 86 -28.21 11.50 -14.31
C THR B 86 -26.87 10.93 -13.85
N GLU B 87 -26.84 10.40 -12.60
CA GLU B 87 -25.68 9.82 -11.93
C GLU B 87 -25.17 8.61 -12.71
N ARG B 88 -26.10 7.77 -13.22
CA ARG B 88 -25.78 6.58 -14.03
C ARG B 88 -25.12 7.01 -15.34
N GLU B 89 -25.68 8.07 -15.99
CA GLU B 89 -25.19 8.66 -17.23
C GLU B 89 -23.81 9.26 -17.01
N ALA B 90 -23.63 9.91 -15.85
CA ALA B 90 -22.34 10.50 -15.46
C ALA B 90 -21.25 9.42 -15.32
N LEU B 91 -21.57 8.27 -14.66
CA LEU B 91 -20.63 7.15 -14.50
C LEU B 91 -20.22 6.55 -15.86
N MET B 92 -21.18 6.42 -16.82
CA MET B 92 -20.93 5.91 -18.17
C MET B 92 -20.06 6.88 -18.97
N SER B 93 -20.35 8.20 -18.90
CA SER B 93 -19.53 9.25 -19.53
C SER B 93 -18.09 9.24 -18.99
N GLU B 94 -17.94 9.03 -17.67
CA GLU B 94 -16.64 8.97 -16.98
C GLU B 94 -15.81 7.79 -17.53
N LEU B 95 -16.48 6.63 -17.71
CA LEU B 95 -15.89 5.42 -18.25
C LEU B 95 -15.43 5.62 -19.73
N LYS B 96 -16.24 6.30 -20.54
CA LYS B 96 -15.89 6.60 -21.94
C LYS B 96 -14.65 7.50 -22.01
N VAL B 97 -14.60 8.54 -21.17
CA VAL B 97 -13.48 9.48 -21.07
C VAL B 97 -12.19 8.76 -20.64
N LEU B 98 -12.24 7.93 -19.59
CA LEU B 98 -11.07 7.18 -19.12
C LEU B 98 -10.52 6.23 -20.16
N SER B 99 -11.43 5.61 -20.92
CA SER B 99 -11.14 4.66 -22.01
C SER B 99 -10.44 5.38 -23.17
N TYR B 100 -10.91 6.59 -23.50
CA TYR B 100 -10.41 7.46 -24.56
C TYR B 100 -9.00 7.97 -24.27
N LEU B 101 -8.71 8.31 -23.01
CA LEU B 101 -7.43 8.87 -22.61
C LEU B 101 -6.24 7.96 -22.81
N GLY B 102 -6.37 6.70 -22.42
CA GLY B 102 -5.28 5.74 -22.48
C GLY B 102 -4.30 5.91 -21.32
N ASN B 103 -3.30 5.01 -21.22
CA ASN B 103 -2.27 4.97 -20.18
C ASN B 103 -1.34 6.18 -20.18
N HIS B 104 -1.16 6.75 -18.99
CA HIS B 104 -0.23 7.81 -18.66
C HIS B 104 0.21 7.53 -17.26
N GLU B 105 1.51 7.69 -16.99
CA GLU B 105 2.11 7.44 -15.67
C GLU B 105 1.52 8.33 -14.55
N ASN B 106 1.08 9.57 -14.86
CA ASN B 106 0.60 10.51 -13.83
C ASN B 106 -0.91 10.64 -13.74
N ILE B 107 -1.61 9.68 -14.33
CA ILE B 107 -3.07 9.62 -14.30
C ILE B 107 -3.43 8.25 -13.73
N VAL B 108 -4.55 8.16 -12.97
CA VAL B 108 -5.07 6.87 -12.48
C VAL B 108 -5.45 6.04 -13.74
N ASN B 109 -4.95 4.83 -13.86
CA ASN B 109 -5.19 4.09 -15.09
C ASN B 109 -6.31 3.08 -14.97
N LEU B 110 -7.19 3.14 -15.96
CA LEU B 110 -8.34 2.24 -16.16
C LEU B 110 -7.80 0.83 -16.45
N LEU B 111 -8.35 -0.17 -15.77
CA LEU B 111 -7.95 -1.57 -15.94
C LEU B 111 -9.06 -2.39 -16.58
N GLY B 112 -10.29 -2.03 -16.29
CA GLY B 112 -11.47 -2.72 -16.80
C GLY B 112 -12.76 -2.07 -16.39
N ALA B 113 -13.90 -2.72 -16.74
CA ALA B 113 -15.27 -2.27 -16.45
C ALA B 113 -16.28 -3.37 -16.64
N CYS B 114 -17.41 -3.28 -15.94
CA CYS B 114 -18.54 -4.18 -16.14
C CYS B 114 -19.80 -3.30 -16.34
N THR B 115 -20.34 -3.29 -17.58
CA THR B 115 -21.52 -2.51 -17.96
C THR B 115 -22.77 -3.39 -18.02
N HIS B 116 -22.59 -4.69 -18.33
CA HIS B 116 -23.67 -5.70 -18.33
C HIS B 116 -23.58 -6.46 -16.97
N GLY B 117 -24.51 -7.40 -16.73
CA GLY B 117 -24.54 -8.18 -15.49
C GLY B 117 -25.01 -7.46 -14.23
N GLY B 118 -25.23 -6.15 -14.33
CA GLY B 118 -25.68 -5.31 -13.22
C GLY B 118 -25.26 -3.86 -13.37
N PRO B 119 -25.14 -3.11 -12.23
CA PRO B 119 -24.73 -1.68 -12.30
C PRO B 119 -23.28 -1.47 -12.74
N THR B 120 -23.02 -0.34 -13.43
CA THR B 120 -21.70 0.02 -13.96
C THR B 120 -20.61 0.07 -12.86
N LEU B 121 -19.49 -0.62 -13.15
CA LEU B 121 -18.29 -0.69 -12.33
C LEU B 121 -17.14 -0.17 -13.16
N VAL B 122 -16.38 0.78 -12.61
CA VAL B 122 -15.19 1.35 -13.24
C VAL B 122 -13.99 0.87 -12.41
N ILE B 123 -13.12 0.05 -13.02
CA ILE B 123 -11.97 -0.56 -12.34
C ILE B 123 -10.67 0.12 -12.74
N THR B 124 -9.96 0.66 -11.75
CA THR B 124 -8.67 1.29 -11.98
C THR B 124 -7.65 0.61 -11.11
N GLU B 125 -6.37 0.99 -11.28
CA GLU B 125 -5.26 0.54 -10.44
C GLU B 125 -5.46 1.10 -9.03
N TYR B 126 -4.94 0.41 -8.05
CA TYR B 126 -5.02 0.82 -6.66
C TYR B 126 -3.73 1.58 -6.32
N CYS B 127 -3.86 2.77 -5.69
CA CYS B 127 -2.74 3.62 -5.26
C CYS B 127 -2.64 3.47 -3.76
N CYS B 128 -1.64 2.72 -3.30
CA CYS B 128 -1.52 2.31 -1.90
C CYS B 128 -1.43 3.42 -0.85
N TYR B 129 -0.92 4.62 -1.18
CA TYR B 129 -0.81 5.65 -0.14
C TYR B 129 -2.04 6.57 -0.08
N GLY B 130 -3.01 6.36 -0.96
CA GLY B 130 -4.26 7.12 -0.97
C GLY B 130 -4.11 8.54 -1.46
N ASP B 131 -5.05 9.43 -1.06
CA ASP B 131 -5.03 10.84 -1.53
C ASP B 131 -3.86 11.64 -0.96
N LEU B 132 -3.26 12.48 -1.81
CA LEU B 132 -2.09 13.28 -1.44
C LEU B 132 -2.32 14.19 -0.23
N LEU B 133 -3.51 14.78 -0.11
CA LEU B 133 -3.80 15.68 1.02
C LEU B 133 -3.60 15.01 2.37
N ASN B 134 -4.21 13.84 2.55
CA ASN B 134 -4.11 13.07 3.79
C ASN B 134 -2.72 12.57 4.02
N PHE B 135 -2.01 12.23 2.94
CA PHE B 135 -0.61 11.80 3.03
C PHE B 135 0.24 12.95 3.61
N LEU B 136 0.11 14.15 3.01
CA LEU B 136 0.83 15.36 3.44
C LEU B 136 0.56 15.71 4.88
N ARG B 137 -0.71 15.66 5.30
CA ARG B 137 -1.09 15.94 6.71
C ARG B 137 -0.47 14.94 7.69
N ARG B 138 -0.38 13.66 7.30
CA ARG B 138 0.20 12.60 8.10
C ARG B 138 1.73 12.78 8.18
N LYS B 139 2.34 13.25 7.08
CA LYS B 139 3.79 13.44 6.97
C LYS B 139 4.31 14.80 7.46
N ARG B 140 3.39 15.71 7.81
CA ARG B 140 3.68 17.08 8.25
C ARG B 140 4.70 17.22 9.40
N ASP B 141 4.53 16.45 10.47
CA ASP B 141 5.40 16.55 11.63
C ASP B 141 6.78 15.90 11.42
N GLU B 142 6.85 15.00 10.42
CA GLU B 142 8.05 14.29 9.99
C GLU B 142 8.47 14.80 8.58
N PHE B 143 8.57 16.14 8.44
CA PHE B 143 9.04 16.78 7.21
C PHE B 143 10.38 17.44 7.44
N VAL B 144 11.30 17.21 6.51
CA VAL B 144 12.66 17.73 6.55
C VAL B 144 12.88 18.49 5.24
N PRO B 145 13.21 19.81 5.25
CA PRO B 145 13.47 20.51 3.98
C PRO B 145 14.64 19.88 3.19
N TYR B 146 15.81 19.70 3.85
CA TYR B 146 16.99 19.09 3.21
C TYR B 146 17.62 17.95 4.03
N LYS B 147 17.67 16.74 3.38
CA LYS B 147 18.18 15.48 3.95
C LYS B 147 19.60 15.60 4.50
N LYS B 155 14.33 5.92 7.22
CA LYS B 155 13.50 6.85 8.00
C LYS B 155 12.23 7.33 7.25
N ASP B 156 12.22 7.25 5.89
CA ASP B 156 11.12 7.68 5.01
C ASP B 156 10.52 9.07 5.38
N PHE B 157 11.41 10.03 5.67
CA PHE B 157 10.99 11.39 6.00
C PHE B 157 10.67 12.14 4.70
N LEU B 158 9.54 12.88 4.64
CA LEU B 158 9.15 13.68 3.48
C LEU B 158 10.15 14.86 3.36
N THR B 159 10.64 15.14 2.14
CA THR B 159 11.62 16.21 1.90
C THR B 159 11.17 17.17 0.81
N LEU B 160 11.89 18.28 0.60
CA LEU B 160 11.61 19.25 -0.45
C LEU B 160 11.75 18.62 -1.85
N GLU B 161 12.67 17.66 -1.99
CA GLU B 161 12.90 16.89 -3.22
C GLU B 161 11.63 16.15 -3.66
N HIS B 162 10.86 15.58 -2.68
CA HIS B 162 9.57 14.90 -2.92
C HIS B 162 8.52 15.88 -3.37
N LEU B 163 8.37 17.01 -2.67
CA LEU B 163 7.38 18.04 -3.03
C LEU B 163 7.63 18.59 -4.41
N LEU B 164 8.92 18.78 -4.81
CA LEU B 164 9.25 19.24 -6.15
C LEU B 164 8.89 18.18 -7.18
N SER B 165 9.12 16.89 -6.84
CA SER B 165 8.75 15.77 -7.69
C SER B 165 7.24 15.69 -7.89
N PHE B 166 6.45 15.85 -6.80
CA PHE B 166 4.97 15.85 -6.87
C PHE B 166 4.46 17.03 -7.71
N SER B 167 5.07 18.22 -7.60
CA SER B 167 4.73 19.42 -8.41
C SER B 167 4.85 19.10 -9.90
N TYR B 168 5.98 18.52 -10.26
CA TYR B 168 6.39 18.15 -11.60
C TYR B 168 5.48 17.11 -12.19
N GLN B 169 5.17 16.07 -11.40
CA GLN B 169 4.32 14.97 -11.85
C GLN B 169 2.88 15.40 -12.07
N VAL B 170 2.38 16.26 -11.19
CA VAL B 170 1.01 16.76 -11.37
C VAL B 170 0.93 17.68 -12.61
N ALA B 171 1.97 18.50 -12.85
CA ALA B 171 2.01 19.40 -14.01
C ALA B 171 2.08 18.58 -15.29
N LYS B 172 2.87 17.48 -15.27
CA LYS B 172 3.01 16.54 -16.39
C LYS B 172 1.69 15.86 -16.71
N GLY B 173 0.99 15.35 -15.69
CA GLY B 173 -0.32 14.72 -15.85
C GLY B 173 -1.36 15.70 -16.38
N MET B 174 -1.36 16.93 -15.86
CA MET B 174 -2.26 18.00 -16.30
C MET B 174 -1.94 18.45 -17.72
N ALA B 175 -0.64 18.47 -18.11
CA ALA B 175 -0.21 18.79 -19.49
C ALA B 175 -0.74 17.73 -20.44
N PHE B 176 -0.74 16.45 -20.00
CA PHE B 176 -1.26 15.34 -20.78
C PHE B 176 -2.78 15.50 -20.94
N LEU B 177 -3.51 15.72 -19.85
CA LEU B 177 -4.96 15.93 -19.92
C LEU B 177 -5.34 17.12 -20.82
N ALA B 178 -4.62 18.26 -20.71
CA ALA B 178 -4.88 19.42 -21.57
C ALA B 178 -4.65 19.08 -23.05
N SER B 179 -3.62 18.25 -23.37
CA SER B 179 -3.33 17.84 -24.77
C SER B 179 -4.46 16.95 -25.33
N LYS B 180 -5.22 16.30 -24.44
CA LYS B 180 -6.37 15.45 -24.76
C LYS B 180 -7.69 16.23 -24.68
N ASN B 181 -7.61 17.58 -24.51
CA ASN B 181 -8.76 18.52 -24.45
C ASN B 181 -9.68 18.30 -23.25
N CYS B 182 -9.09 17.84 -22.15
CA CYS B 182 -9.71 17.60 -20.86
C CYS B 182 -9.57 18.82 -19.97
N ILE B 183 -10.66 19.22 -19.30
CA ILE B 183 -10.72 20.25 -18.25
C ILE B 183 -11.13 19.46 -17.03
N HIS B 184 -10.28 19.41 -15.99
CA HIS B 184 -10.54 18.66 -14.75
C HIS B 184 -11.72 19.26 -13.94
N ARG B 185 -11.69 20.60 -13.71
CA ARG B 185 -12.69 21.38 -12.96
C ARG B 185 -12.57 21.22 -11.44
N ASP B 186 -11.72 20.25 -10.92
CA ASP B 186 -11.55 20.01 -9.49
C ASP B 186 -10.15 19.49 -9.14
N LEU B 187 -9.15 20.20 -9.64
CA LEU B 187 -7.75 19.93 -9.35
C LEU B 187 -7.43 20.48 -7.92
N ALA B 188 -6.98 19.56 -7.05
CA ALA B 188 -6.70 19.78 -5.64
C ALA B 188 -5.99 18.55 -5.15
N ALA B 189 -5.24 18.66 -4.04
CA ALA B 189 -4.48 17.58 -3.43
C ALA B 189 -5.39 16.38 -3.05
N ARG B 190 -6.68 16.65 -2.73
CA ARG B 190 -7.68 15.63 -2.40
C ARG B 190 -8.00 14.72 -3.63
N ASN B 191 -7.71 15.25 -4.84
CA ASN B 191 -7.92 14.53 -6.11
C ASN B 191 -6.63 14.05 -6.77
N ILE B 192 -5.56 13.89 -5.99
CA ILE B 192 -4.28 13.40 -6.42
C ILE B 192 -4.01 12.17 -5.55
N LEU B 193 -3.60 11.05 -6.15
CA LEU B 193 -3.29 9.85 -5.38
C LEU B 193 -1.80 9.59 -5.40
N LEU B 194 -1.31 8.91 -4.37
CA LEU B 194 0.11 8.58 -4.29
C LEU B 194 0.28 7.06 -4.27
N THR B 195 1.13 6.54 -5.16
CA THR B 195 1.42 5.11 -5.25
C THR B 195 2.92 4.88 -4.97
N HIS B 196 3.45 3.65 -5.31
CA HIS B 196 4.87 3.26 -5.13
C HIS B 196 5.82 4.16 -5.90
N GLY B 197 7.02 4.29 -5.36
CA GLY B 197 8.10 5.06 -5.95
C GLY B 197 7.79 6.54 -6.04
N ASN B 198 6.98 7.06 -5.08
CA ASN B 198 6.54 8.45 -4.96
C ASN B 198 5.93 8.96 -6.26
N ILE B 199 5.08 8.12 -6.86
CA ILE B 199 4.36 8.43 -8.09
C ILE B 199 2.99 8.97 -7.75
N THR B 200 2.68 10.18 -8.25
CA THR B 200 1.39 10.80 -8.05
C THR B 200 0.55 10.56 -9.28
N LYS B 201 -0.75 10.34 -9.08
CA LYS B 201 -1.72 10.07 -10.13
C LYS B 201 -2.97 10.93 -9.95
N ILE B 202 -3.27 11.71 -10.96
CA ILE B 202 -4.45 12.57 -10.94
C ILE B 202 -5.68 11.67 -11.06
N CYS B 203 -6.70 11.94 -10.26
CA CYS B 203 -7.96 11.21 -10.33
C CYS B 203 -9.10 12.21 -10.16
N ASP B 204 -10.31 11.72 -10.03
CA ASP B 204 -11.48 12.56 -9.77
C ASP B 204 -12.47 11.70 -9.00
N PHE B 205 -12.54 11.89 -7.68
CA PHE B 205 -13.48 11.12 -6.83
C PHE B 205 -14.93 11.39 -7.26
N GLY B 206 -15.23 12.64 -7.64
CA GLY B 206 -16.54 13.08 -8.08
C GLY B 206 -17.62 12.69 -7.11
N LEU B 207 -18.56 11.83 -7.56
CA LEU B 207 -19.68 11.30 -6.80
C LEU B 207 -19.29 10.44 -5.59
N ALA B 208 -18.04 9.95 -5.54
CA ALA B 208 -17.53 9.15 -4.44
C ALA B 208 -16.88 9.99 -3.34
N ARG B 209 -17.23 11.28 -3.28
CA ARG B 209 -16.80 12.22 -2.23
C ARG B 209 -18.07 12.82 -1.65
N ASP B 210 -18.19 12.83 -0.30
CA ASP B 210 -19.35 13.42 0.39
C ASP B 210 -19.17 14.96 0.47
N ILE B 211 -19.27 15.63 -0.71
CA ILE B 211 -19.08 17.08 -0.88
C ILE B 211 -20.00 17.91 0.01
N LYS B 212 -21.18 17.36 0.35
CA LYS B 212 -22.17 18.01 1.20
C LYS B 212 -21.66 18.27 2.62
N ASN B 213 -20.76 17.41 3.11
CA ASN B 213 -20.19 17.52 4.46
C ASN B 213 -18.72 17.93 4.49
N ASP B 214 -18.11 18.13 3.32
CA ASP B 214 -16.72 18.54 3.20
C ASP B 214 -16.65 20.07 3.29
N SER B 215 -15.89 20.61 4.27
CA SER B 215 -15.77 22.08 4.45
C SER B 215 -15.00 22.81 3.30
N ASN B 216 -14.34 22.05 2.41
CA ASN B 216 -13.62 22.55 1.23
C ASN B 216 -14.55 22.91 0.07
N TYR B 217 -15.86 22.58 0.21
CA TYR B 217 -16.91 22.85 -0.76
C TYR B 217 -17.86 23.77 -0.07
N VAL B 218 -18.31 24.81 -0.79
CA VAL B 218 -19.14 25.88 -0.26
C VAL B 218 -20.42 25.96 -1.09
N ASP B 219 -21.53 26.33 -0.43
CA ASP B 219 -22.81 26.52 -1.10
C ASP B 219 -22.70 27.81 -1.92
N LYS B 220 -22.90 27.70 -3.24
CA LYS B 220 -22.84 28.82 -4.17
C LYS B 220 -23.99 28.57 -5.14
N GLY B 221 -25.05 29.33 -4.94
CA GLY B 221 -26.29 29.13 -5.69
C GLY B 221 -26.89 27.79 -5.28
N ASN B 222 -27.22 26.96 -6.28
CA ASN B 222 -27.79 25.64 -6.04
C ASN B 222 -26.72 24.58 -6.34
N ALA B 223 -25.47 24.89 -5.94
CA ALA B 223 -24.31 24.05 -6.15
C ALA B 223 -23.40 24.10 -4.93
N ARG B 224 -22.64 23.03 -4.73
CA ARG B 224 -21.69 22.86 -3.66
C ARG B 224 -20.33 22.78 -4.37
N LEU B 225 -19.62 23.93 -4.38
CA LEU B 225 -18.38 24.10 -5.17
C LEU B 225 -17.07 24.34 -4.39
N PRO B 226 -15.90 23.89 -4.91
CA PRO B 226 -14.63 24.10 -4.18
C PRO B 226 -14.05 25.50 -4.47
N VAL B 227 -14.72 26.53 -3.95
CA VAL B 227 -14.47 27.95 -4.22
C VAL B 227 -13.02 28.41 -4.01
N LYS B 228 -12.33 27.95 -2.95
CA LYS B 228 -10.92 28.32 -2.69
C LYS B 228 -9.93 27.86 -3.75
N TRP B 229 -10.31 26.85 -4.58
CA TRP B 229 -9.52 26.34 -5.70
C TRP B 229 -9.93 26.92 -7.06
N MET B 230 -11.03 27.69 -7.12
CA MET B 230 -11.56 28.21 -8.36
C MET B 230 -11.10 29.59 -8.78
N ALA B 231 -10.80 29.73 -10.08
CA ALA B 231 -10.40 30.96 -10.72
C ALA B 231 -11.57 31.95 -10.63
N PRO B 232 -11.31 33.27 -10.57
CA PRO B 232 -12.42 34.24 -10.51
C PRO B 232 -13.44 34.10 -11.65
N GLU B 233 -13.01 33.82 -12.91
CA GLU B 233 -13.95 33.62 -14.04
C GLU B 233 -14.87 32.40 -13.83
N SER B 234 -14.40 31.36 -13.09
CA SER B 234 -15.21 30.19 -12.78
C SER B 234 -16.22 30.55 -11.68
N ILE B 235 -15.80 31.35 -10.68
CA ILE B 235 -16.67 31.76 -9.58
C ILE B 235 -17.80 32.67 -10.08
N PHE B 236 -17.44 33.76 -10.77
CA PHE B 236 -18.40 34.76 -11.18
C PHE B 236 -19.08 34.47 -12.52
N ASN B 237 -18.47 33.68 -13.42
CA ASN B 237 -19.09 33.41 -14.73
C ASN B 237 -19.39 31.94 -15.04
N SER B 238 -19.03 30.99 -14.14
CA SER B 238 -19.25 29.53 -14.29
C SER B 238 -18.52 28.90 -15.51
N VAL B 239 -17.47 29.57 -16.00
CA VAL B 239 -16.68 29.06 -17.11
C VAL B 239 -15.46 28.32 -16.61
N TYR B 240 -15.22 27.16 -17.19
CA TYR B 240 -14.09 26.30 -16.89
C TYR B 240 -13.30 26.12 -18.16
N THR B 241 -11.99 26.43 -18.11
CA THR B 241 -11.10 26.36 -19.28
C THR B 241 -9.78 25.71 -18.88
N PHE B 242 -8.82 25.65 -19.81
CA PHE B 242 -7.47 25.17 -19.55
C PHE B 242 -6.79 26.08 -18.50
N GLU B 243 -7.05 27.38 -18.62
CA GLU B 243 -6.54 28.47 -17.78
C GLU B 243 -7.10 28.46 -16.36
N SER B 244 -8.36 28.01 -16.17
CA SER B 244 -8.95 27.91 -14.82
C SER B 244 -8.38 26.71 -14.08
N ASP B 245 -7.96 25.66 -14.80
CA ASP B 245 -7.29 24.48 -14.21
C ASP B 245 -5.89 24.86 -13.72
N VAL B 246 -5.24 25.82 -14.42
CA VAL B 246 -3.92 26.35 -14.09
C VAL B 246 -4.02 27.11 -12.75
N TRP B 247 -5.10 27.92 -12.56
CA TRP B 247 -5.36 28.63 -11.31
C TRP B 247 -5.42 27.60 -10.15
N SER B 248 -6.23 26.52 -10.30
CA SER B 248 -6.40 25.44 -9.31
C SER B 248 -5.08 24.79 -9.02
N TYR B 249 -4.21 24.65 -10.06
CA TYR B 249 -2.86 24.06 -9.91
C TYR B 249 -2.04 24.94 -8.99
N GLY B 250 -2.17 26.26 -9.15
CA GLY B 250 -1.50 27.23 -8.28
C GLY B 250 -1.92 27.03 -6.83
N ILE B 251 -3.23 26.81 -6.60
CA ILE B 251 -3.77 26.53 -5.25
C ILE B 251 -3.23 25.18 -4.74
N PHE B 252 -3.21 24.14 -5.61
CA PHE B 252 -2.64 22.82 -5.28
C PHE B 252 -1.18 22.99 -4.76
N LEU B 253 -0.36 23.77 -5.47
CA LEU B 253 1.04 24.08 -5.13
C LEU B 253 1.14 24.68 -3.72
N TRP B 254 0.23 25.62 -3.43
CA TRP B 254 0.14 26.22 -2.11
C TRP B 254 -0.14 25.14 -1.05
N GLU B 255 -1.12 24.23 -1.28
CA GLU B 255 -1.44 23.13 -0.34
C GLU B 255 -0.25 22.24 -0.15
N LEU B 256 0.43 21.89 -1.26
CA LEU B 256 1.59 21.00 -1.29
C LEU B 256 2.73 21.54 -0.45
N PHE B 257 3.13 22.81 -0.69
CA PHE B 257 4.24 23.41 0.04
C PHE B 257 3.90 23.85 1.47
N SER B 258 2.60 23.94 1.81
CA SER B 258 2.10 24.21 3.18
C SER B 258 1.88 22.88 3.94
N LEU B 259 2.19 21.75 3.27
CA LEU B 259 2.09 20.38 3.79
C LEU B 259 0.66 19.99 4.15
N GLY B 260 -0.28 20.35 3.28
CA GLY B 260 -1.67 19.96 3.44
C GLY B 260 -2.57 20.95 4.15
N SER B 261 -2.12 22.19 4.37
CA SER B 261 -2.99 23.19 5.01
C SER B 261 -4.08 23.60 4.03
N SER B 262 -5.26 23.97 4.57
CA SER B 262 -6.39 24.47 3.79
C SER B 262 -6.03 25.86 3.26
N PRO B 263 -6.35 26.18 1.99
CA PRO B 263 -5.98 27.52 1.47
C PRO B 263 -6.75 28.66 2.12
N TYR B 264 -6.23 29.90 2.01
CA TYR B 264 -6.77 31.14 2.62
C TYR B 264 -7.08 30.87 4.09
N PRO B 265 -6.08 30.37 4.89
CA PRO B 265 -6.36 30.04 6.29
C PRO B 265 -6.94 31.23 7.07
N GLY B 266 -7.92 30.93 7.89
CA GLY B 266 -8.61 31.92 8.74
C GLY B 266 -9.59 32.81 8.01
N MET B 267 -9.77 32.58 6.68
CA MET B 267 -10.66 33.40 5.85
C MET B 267 -11.85 32.58 5.43
N PRO B 268 -13.06 32.88 5.96
CA PRO B 268 -14.24 32.10 5.53
C PRO B 268 -14.74 32.50 4.13
N VAL B 269 -15.42 31.59 3.44
CA VAL B 269 -15.95 31.92 2.10
C VAL B 269 -17.27 32.69 2.27
N ASP B 270 -17.17 34.00 2.13
CA ASP B 270 -18.28 34.94 2.25
C ASP B 270 -18.12 36.05 1.20
N SER B 271 -18.95 37.12 1.29
CA SER B 271 -18.91 38.24 0.34
C SER B 271 -17.55 38.96 0.32
N LYS B 272 -16.88 39.05 1.50
CA LYS B 272 -15.57 39.69 1.67
C LYS B 272 -14.52 38.88 0.91
N PHE B 273 -14.59 37.53 0.99
CA PHE B 273 -13.66 36.65 0.27
C PHE B 273 -13.74 36.92 -1.24
N TYR B 274 -14.97 36.90 -1.82
CA TYR B 274 -15.21 37.15 -3.26
C TYR B 274 -14.68 38.51 -3.67
N LYS B 275 -14.99 39.55 -2.86
CA LYS B 275 -14.54 40.93 -3.07
C LYS B 275 -12.99 41.00 -3.11
N MET B 276 -12.31 40.43 -2.10
CA MET B 276 -10.84 40.41 -1.99
C MET B 276 -10.15 39.74 -3.17
N ILE B 277 -10.60 38.55 -3.62
CA ILE B 277 -10.01 37.83 -4.78
C ILE B 277 -10.18 38.66 -6.08
N LYS B 278 -11.39 39.22 -6.29
CA LYS B 278 -11.73 40.08 -7.43
C LYS B 278 -10.80 41.32 -7.45
N GLU B 279 -10.43 41.81 -6.24
CA GLU B 279 -9.56 42.98 -6.03
C GLU B 279 -8.06 42.68 -6.08
N GLY B 280 -7.68 41.42 -6.20
CA GLY B 280 -6.28 41.04 -6.33
C GLY B 280 -5.59 40.48 -5.11
N PHE B 281 -6.35 40.17 -4.03
CA PHE B 281 -5.73 39.55 -2.84
C PHE B 281 -5.23 38.17 -3.27
N ARG B 282 -4.00 37.83 -2.88
CA ARG B 282 -3.38 36.54 -3.14
C ARG B 282 -2.66 36.07 -1.92
N MET B 283 -2.67 34.76 -1.71
CA MET B 283 -1.97 34.17 -0.58
C MET B 283 -0.48 34.44 -0.69
N SER B 284 0.17 34.67 0.46
CA SER B 284 1.61 34.87 0.54
C SER B 284 2.22 33.45 0.48
N SER B 285 3.55 33.39 0.31
CA SER B 285 4.24 32.13 0.17
C SER B 285 4.17 31.25 1.39
N PRO B 286 3.99 29.91 1.19
CA PRO B 286 4.17 28.96 2.32
C PRO B 286 5.64 29.00 2.77
N GLU B 287 5.90 28.67 4.05
CA GLU B 287 7.28 28.67 4.59
C GLU B 287 8.24 27.81 3.78
N TYR B 288 7.77 26.68 3.25
CA TYR B 288 8.63 25.72 2.58
C TYR B 288 8.64 25.81 1.06
N ALA B 289 7.95 26.79 0.47
CA ALA B 289 7.98 26.89 -0.99
C ALA B 289 9.26 27.56 -1.47
N PRO B 290 10.02 26.93 -2.41
CA PRO B 290 11.18 27.64 -3.00
C PRO B 290 10.65 28.89 -3.75
N ALA B 291 11.44 29.94 -3.81
CA ALA B 291 11.08 31.22 -4.46
C ALA B 291 10.53 31.03 -5.88
N GLU B 292 11.13 30.09 -6.61
CA GLU B 292 10.80 29.79 -8.01
C GLU B 292 9.46 29.07 -8.14
N MET B 293 9.03 28.30 -7.09
CA MET B 293 7.70 27.65 -7.04
C MET B 293 6.65 28.66 -6.68
N TYR B 294 6.95 29.61 -5.77
CA TYR B 294 6.02 30.68 -5.45
C TYR B 294 5.80 31.56 -6.68
N ASP B 295 6.85 31.76 -7.49
CA ASP B 295 6.76 32.52 -8.75
C ASP B 295 5.78 31.85 -9.73
N ILE B 296 5.74 30.51 -9.76
CA ILE B 296 4.77 29.79 -10.59
C ILE B 296 3.37 30.06 -10.05
N MET B 297 3.14 29.88 -8.73
CA MET B 297 1.84 30.16 -8.09
C MET B 297 1.31 31.55 -8.46
N LYS B 298 2.14 32.61 -8.34
CA LYS B 298 1.72 33.98 -8.66
C LYS B 298 1.25 34.10 -10.09
N THR B 299 1.95 33.47 -11.07
CA THR B 299 1.54 33.51 -12.49
C THR B 299 0.27 32.71 -12.74
N CYS B 300 0.08 31.57 -12.01
CA CYS B 300 -1.16 30.76 -12.07
C CYS B 300 -2.36 31.58 -11.57
N TRP B 301 -2.13 32.54 -10.63
CA TRP B 301 -3.18 33.37 -10.06
C TRP B 301 -3.34 34.71 -10.73
N ASP B 302 -2.83 34.84 -11.94
CA ASP B 302 -3.01 36.10 -12.64
C ASP B 302 -4.51 36.30 -12.93
N ALA B 303 -5.03 37.53 -12.70
CA ALA B 303 -6.44 37.85 -12.93
C ALA B 303 -6.80 37.63 -14.38
N ASP B 304 -5.85 37.93 -15.30
CA ASP B 304 -5.99 37.73 -16.75
C ASP B 304 -5.63 36.27 -17.08
N PRO B 305 -6.62 35.44 -17.52
CA PRO B 305 -6.32 34.03 -17.84
C PRO B 305 -5.24 33.82 -18.91
N ASP B 306 -5.14 34.78 -19.87
CA ASP B 306 -4.17 34.78 -20.96
C ASP B 306 -2.73 34.97 -20.51
N LYS B 307 -2.53 35.51 -19.29
CA LYS B 307 -1.23 35.75 -18.68
C LYS B 307 -0.74 34.56 -17.83
N ARG B 308 -1.61 33.58 -17.59
CA ARG B 308 -1.27 32.38 -16.83
C ARG B 308 -0.37 31.46 -17.67
N PRO B 309 0.59 30.73 -17.06
CA PRO B 309 1.38 29.81 -17.89
C PRO B 309 0.51 28.64 -18.34
N THR B 310 0.94 27.88 -19.35
CA THR B 310 0.21 26.67 -19.74
C THR B 310 0.85 25.55 -18.89
N PHE B 311 0.23 24.37 -18.81
CA PHE B 311 0.84 23.27 -18.05
C PHE B 311 2.18 22.85 -18.70
N LYS B 312 2.28 22.98 -20.05
CA LYS B 312 3.48 22.71 -20.86
C LYS B 312 4.65 23.64 -20.46
N GLN B 313 4.34 24.93 -20.18
CA GLN B 313 5.32 25.92 -19.73
C GLN B 313 5.73 25.62 -18.27
N ILE B 314 4.76 25.27 -17.39
CA ILE B 314 5.01 24.92 -15.97
C ILE B 314 5.98 23.72 -15.92
N VAL B 315 5.74 22.65 -16.74
CA VAL B 315 6.59 21.45 -16.80
C VAL B 315 8.04 21.87 -17.07
N GLN B 316 8.24 22.68 -18.14
CA GLN B 316 9.56 23.15 -18.56
C GLN B 316 10.25 23.94 -17.44
N ASP B 317 9.49 24.80 -16.74
CA ASP B 317 9.94 25.61 -15.61
C ASP B 317 10.38 24.72 -14.42
N ILE B 318 9.58 23.70 -14.05
CA ILE B 318 9.92 22.80 -12.92
C ILE B 318 11.11 21.90 -13.28
N GLU B 319 11.14 21.38 -14.53
CA GLU B 319 12.21 20.54 -15.07
C GLU B 319 13.54 21.24 -14.83
N LYS B 320 13.61 22.53 -15.21
CA LYS B 320 14.74 23.43 -15.05
C LYS B 320 15.15 23.54 -13.55
N GLN B 321 14.19 23.77 -12.65
CA GLN B 321 14.42 23.88 -11.21
C GLN B 321 14.96 22.59 -10.60
N ILE B 322 14.44 21.44 -11.05
CA ILE B 322 14.86 20.11 -10.57
C ILE B 322 16.32 19.85 -10.95
N SER B 323 16.71 20.18 -12.21
CA SER B 323 18.08 19.99 -12.69
C SER B 323 19.07 20.85 -11.90
N GLU B 324 18.78 22.15 -11.74
CA GLU B 324 19.60 23.13 -11.01
C GLU B 324 19.77 22.78 -9.52
N SER B 325 18.85 21.97 -8.94
CA SER B 325 18.83 21.55 -7.54
C SER B 325 19.97 20.58 -7.21
C1 O2H C . 5.43 -24.21 3.32
C2 O2H C . 5.40 -22.94 3.76
C3 O2H C . 5.89 -21.76 3.09
O4 O2H C . 9.67 -13.09 -2.90
C7 O2H C . 8.52 -18.36 0.58
C8 O2H C . 7.26 -18.32 1.18
C9 O2H C . 6.75 -19.44 1.83
C10 O2H C . 5.41 -19.41 2.47
C11 O2H C . 4.31 -19.04 1.50
C12 O2H C . 5.40 -18.49 3.67
C13 O2H C . 8.80 -15.94 0.02
C14 O2H C . 9.66 -15.06 -0.87
C15 O2H C . 9.67 -13.59 -0.56
C16 O2H C . 9.68 -12.66 -1.60
C19 O2H C . 9.70 -11.95 1.05
C20 O2H C . 8.71 -8.77 0.01
C21 O2H C . 7.62 -9.13 -0.77
C22 O2H C . 6.71 -8.13 -1.10
C24 O2H C . 8.87 -7.43 0.44
C27 O2H C . 9.05 -4.75 1.22
C30 O2H C . 9.78 -12.09 -3.92
O1 O2H C . 7.95 -15.46 0.78
N1 O2H C . 9.06 -17.25 -0.10
C6 O2H C . 9.28 -19.52 0.65
C5 O2H C . 8.78 -20.64 1.30
C4 O2H C . 7.52 -20.62 1.90
N O2H C . 7.07 -21.77 2.53
O O2H C . 5.02 -20.68 3.11
C O2H C . 6.72 -24.98 3.23
N2 O2H C . 9.68 -13.24 0.74
C18 O2H C . 9.69 -10.95 0.09
C17 O2H C . 9.69 -11.32 -1.24
O2 O2H C . 9.72 -9.61 0.43
C25 O2H C . 9.95 -6.97 1.24
C26 O2H C . 10.03 -5.66 1.62
O3 O2H C . 9.21 -3.47 1.66
C29 O2H C . 8.33 -2.45 1.11
C28 O2H C . 7.97 -5.15 0.44
C23 O2H C . 7.87 -6.50 0.04
N3 O2H C . 6.80 -6.86 -0.74
C1 O2H D . -11.09 15.03 -18.79
C2 O2H D . -10.53 14.94 -17.56
C3 O2H D . -10.62 13.85 -16.63
O4 O2H D . -12.05 4.97 -9.99
C7 O2H D . -12.17 10.27 -13.54
C8 O2H D . -10.90 10.72 -13.88
C9 O2H D . -10.74 11.77 -14.79
C10 O2H D . -9.36 12.27 -15.17
C11 O2H D . -8.50 11.17 -15.77
C12 O2H D . -8.64 12.90 -13.98
C13 O2H D . -11.62 8.62 -11.75
C14 O2H D . -12.34 7.64 -10.84
C15 O2H D . -11.70 7.29 -9.52
C16 O2H D . -11.57 5.95 -9.15
C19 O2H D . -10.69 8.04 -7.59
C20 O2H D . -8.80 5.64 -5.83
C21 O2H D . -8.22 5.05 -6.93
C22 O2H D . -7.12 4.23 -6.71
C24 O2H D . -8.29 5.39 -4.52
C27 O2H D . -7.18 4.84 -2.03
C30 O2H D . -12.03 3.61 -9.53
O1 O2H D . -10.43 8.85 -11.66
N1 O2H D . -12.44 9.22 -12.63
C6 O2H D . -13.29 10.86 -14.12
C5 O2H D . -13.14 11.90 -15.02
C4 O2H D . -11.87 12.37 -15.37
N O2H D . -11.78 13.41 -16.28
O O2H D . -9.38 13.38 -16.14
C O2H D . -12.57 15.25 -18.95
N2 O2H D . -11.27 8.32 -8.77
C18 O2H D . -10.53 6.74 -7.14
C17 O2H D . -10.98 5.69 -7.92
O2 O2H D . -9.92 6.49 -5.90
C25 O2H D . -8.84 5.95 -3.34
C26 O2H D . -8.29 5.68 -2.12
O3 O2H D . -6.75 4.66 -0.74
C29 O2H D . -5.64 3.79 -0.51
C28 O2H D . -6.62 4.27 -3.15
C23 O2H D . -7.18 4.53 -4.42
N3 O2H D . -6.60 3.96 -5.52
#